data_3IQG
#
_entry.id   3IQG
#
_cell.length_a   112.474
_cell.length_b   112.474
_cell.length_c   45.928
_cell.angle_alpha   90.00
_cell.angle_beta   90.00
_cell.angle_gamma   90.00
#
_symmetry.space_group_name_H-M   'I 41'
#
loop_
_entity.id
_entity.type
_entity.pdbx_description
1 polymer 'Cysteine synthase'
2 polymer MNWNI
3 water water
#
loop_
_entity_poly.entity_id
_entity_poly.type
_entity_poly.pdbx_seq_one_letter_code
_entity_poly.pdbx_strand_id
1 'polypeptide(L)'
;MAIYADNSYSIGNTPLVRLKHFGHNGNVVVKIEGRNPSYSV(LLP)CRIGANMVWQAEKDGTLTKGKEIVDATSGNTGIA
LAYVAAARGYKITLTMPETMSLERKRLLCGLGVNLVLTEGAKGMKGAIAKAEEIVASDPSRYVMLKQFENPANPQIHRET
TGPEIWKDTDGKVDVVVAGVGTGGSITGISRAIKLDFGKQITSVAVEPVESPVISQTLAGEEVKPGPHKIQGIGAGFIPK
NLDLSIIDRVETVDSDTALATARRLMAEEGILAGISSGAAVAAADRLAKLPEFADKLIVVILPSASERYLSTALFEGIEG
;
X
2 'polypeptide(L)' MNWNI P
#
# COMPACT_ATOMS: atom_id res chain seq x y z
N ALA A 2 11.82 22.37 -5.48
CA ALA A 2 13.28 22.28 -5.19
C ALA A 2 13.88 21.19 -6.09
N ILE A 3 15.15 20.87 -5.84
CA ILE A 3 15.82 19.77 -6.51
C ILE A 3 16.08 18.68 -5.47
N TYR A 4 15.54 17.49 -5.72
CA TYR A 4 15.70 16.38 -4.79
C TYR A 4 17.11 15.79 -4.90
N ALA A 5 17.75 15.55 -3.75
CA ALA A 5 19.14 15.07 -3.72
C ALA A 5 19.26 13.66 -4.32
N ASP A 6 18.20 12.89 -4.16
CA ASP A 6 18.05 11.59 -4.84
C ASP A 6 16.55 11.28 -4.97
N ASN A 7 16.22 10.23 -5.72
CA ASN A 7 14.81 9.92 -6.07
C ASN A 7 13.93 9.60 -4.85
N SER A 8 14.52 9.05 -3.79
CA SER A 8 13.74 8.82 -2.54
C SER A 8 13.09 10.08 -1.95
N TYR A 9 13.76 11.21 -2.07
CA TYR A 9 13.22 12.45 -1.48
C TYR A 9 12.02 13.01 -2.25
N SER A 10 11.79 12.49 -3.46
CA SER A 10 10.72 13.00 -4.36
C SER A 10 9.35 12.33 -4.12
N ILE A 11 9.26 11.48 -3.10
CA ILE A 11 8.00 10.78 -2.77
C ILE A 11 6.83 11.74 -2.52
N GLY A 12 5.64 11.28 -2.84
CA GLY A 12 4.45 11.93 -2.39
C GLY A 12 4.06 13.14 -3.23
N ASN A 13 3.40 14.07 -2.57
CA ASN A 13 2.70 15.19 -3.23
C ASN A 13 1.79 14.78 -4.40
N THR A 14 1.01 13.71 -4.17
CA THR A 14 0.16 13.11 -5.18
C THR A 14 -1.15 13.90 -5.28
N PRO A 15 -1.74 13.93 -6.48
CA PRO A 15 -2.89 14.78 -6.67
C PRO A 15 -4.22 14.17 -6.21
N LEU A 16 -5.16 15.04 -5.91
CA LEU A 16 -6.56 14.67 -5.72
C LEU A 16 -7.34 15.00 -6.98
N VAL A 17 -8.16 14.04 -7.44
CA VAL A 17 -8.99 14.18 -8.65
C VAL A 17 -10.42 13.82 -8.24
N ARG A 18 -11.37 14.69 -8.58
CA ARG A 18 -12.79 14.44 -8.33
C ARG A 18 -13.37 13.44 -9.33
N LEU A 19 -14.11 12.45 -8.83
CA LEU A 19 -14.78 11.49 -9.73
C LEU A 19 -16.09 12.07 -10.27
N LYS A 20 -16.32 11.84 -11.54
CA LYS A 20 -17.53 12.26 -12.21
C LYS A 20 -18.60 11.17 -12.29
N HIS A 21 -18.19 9.91 -12.33
CA HIS A 21 -19.13 8.79 -12.58
C HIS A 21 -19.37 7.87 -11.38
N PHE A 22 -18.90 8.34 -10.23
CA PHE A 22 -19.03 7.65 -8.96
C PHE A 22 -19.46 8.72 -7.98
N GLY A 23 -20.00 8.28 -6.86
CA GLY A 23 -20.50 9.19 -5.84
C GLY A 23 -21.78 9.91 -6.21
N HIS A 24 -22.07 10.96 -5.46
CA HIS A 24 -23.24 11.77 -5.66
C HIS A 24 -22.83 13.22 -5.56
N ASN A 25 -23.05 13.98 -6.64
CA ASN A 25 -22.70 15.39 -6.69
C ASN A 25 -21.23 15.67 -6.30
N GLY A 26 -20.32 14.82 -6.80
CA GLY A 26 -18.90 15.07 -6.69
C GLY A 26 -18.32 14.85 -5.30
N ASN A 27 -19.00 14.07 -4.46
CA ASN A 27 -18.53 13.77 -3.09
C ASN A 27 -17.40 12.74 -3.00
N VAL A 28 -17.01 12.15 -4.12
CA VAL A 28 -15.87 11.22 -4.12
C VAL A 28 -14.67 11.79 -4.85
N VAL A 29 -13.57 11.83 -4.11
CA VAL A 29 -12.29 12.34 -4.61
CA VAL A 29 -12.31 12.30 -4.67
C VAL A 29 -11.22 11.26 -4.45
N VAL A 30 -10.33 11.13 -5.43
CA VAL A 30 -9.31 10.07 -5.36
C VAL A 30 -7.89 10.65 -5.29
N LYS A 31 -7.05 10.02 -4.47
CA LYS A 31 -5.64 10.39 -4.34
C LYS A 31 -4.78 9.40 -5.11
N ILE A 32 -4.02 9.90 -6.07
CA ILE A 32 -3.37 9.04 -7.08
C ILE A 32 -1.93 8.69 -6.67
N GLU A 33 -1.81 7.60 -5.93
CA GLU A 33 -0.52 7.16 -5.38
C GLU A 33 0.35 6.51 -6.45
N GLY A 34 -0.23 6.25 -7.63
CA GLY A 34 0.56 5.84 -8.80
C GLY A 34 1.60 6.87 -9.20
N ARG A 35 1.40 8.14 -8.84
CA ARG A 35 2.37 9.18 -9.14
C ARG A 35 3.48 9.39 -8.06
N ASN A 36 4.41 8.45 -8.06
CA ASN A 36 5.46 8.31 -7.06
C ASN A 36 6.72 7.82 -7.78
N PRO A 37 7.91 7.89 -7.13
CA PRO A 37 9.18 7.56 -7.81
C PRO A 37 9.23 6.16 -8.44
N SER A 38 8.63 5.16 -7.78
CA SER A 38 8.47 3.81 -8.39
C SER A 38 7.01 3.41 -8.54
N TYR A 39 6.16 4.43 -8.64
CA TYR A 39 4.79 4.30 -9.16
C TYR A 39 3.75 3.56 -8.26
N SER A 40 3.99 3.57 -6.96
CA SER A 40 2.97 3.09 -6.03
C SER A 40 3.08 3.80 -4.68
N VAL A 41 2.08 3.59 -3.85
CA VAL A 41 2.03 4.13 -2.48
C VAL A 41 3.25 3.68 -1.67
N CYS A 43 6.31 3.43 -2.41
CA CYS A 43 7.48 4.30 -2.54
CA CYS A 43 7.51 4.24 -2.52
C CYS A 43 7.73 5.10 -1.25
N ARG A 44 6.65 5.60 -0.63
CA ARG A 44 6.74 6.39 0.61
C ARG A 44 7.38 5.60 1.74
N ILE A 45 6.95 4.34 1.88
CA ILE A 45 7.45 3.47 2.95
C ILE A 45 8.78 2.87 2.66
N GLY A 46 9.07 2.61 1.38
CA GLY A 46 10.40 2.21 0.95
C GLY A 46 11.38 3.28 1.38
N ALA A 47 11.09 4.53 1.07
CA ALA A 47 11.94 5.65 1.44
C ALA A 47 12.09 5.76 2.98
N ASN A 48 10.96 5.82 3.69
CA ASN A 48 11.02 6.12 5.13
C ASN A 48 11.57 4.98 5.99
N MET A 49 11.33 3.73 5.61
CA MET A 49 11.92 2.62 6.38
C MET A 49 13.46 2.63 6.24
N VAL A 50 13.94 2.94 5.04
CA VAL A 50 15.38 3.13 4.85
C VAL A 50 15.90 4.33 5.66
N TRP A 51 15.24 5.50 5.55
CA TRP A 51 15.65 6.70 6.27
C TRP A 51 15.67 6.49 7.81
N GLN A 52 14.64 5.83 8.35
CA GLN A 52 14.57 5.57 9.79
C GLN A 52 15.64 4.59 10.24
N ALA A 53 15.90 3.58 9.40
CA ALA A 53 16.97 2.62 9.67
C ALA A 53 18.35 3.29 9.69
N GLU A 54 18.59 4.22 8.75
CA GLU A 54 19.78 5.07 8.78
C GLU A 54 19.88 5.89 10.08
N LYS A 55 18.82 6.63 10.42
CA LYS A 55 18.79 7.48 11.61
C LYS A 55 19.02 6.72 12.92
N ASP A 56 18.49 5.50 13.03
CA ASP A 56 18.67 4.75 14.29
C ASP A 56 19.90 3.84 14.27
N GLY A 57 20.64 3.86 13.17
CA GLY A 57 21.88 3.08 13.04
C GLY A 57 21.76 1.60 12.75
N THR A 58 20.57 1.12 12.39
CA THR A 58 20.41 -0.27 12.00
C THR A 58 20.84 -0.46 10.53
N LEU A 59 20.85 0.64 9.78
CA LEU A 59 21.31 0.56 8.40
C LEU A 59 22.49 1.51 8.27
N THR A 60 23.61 0.95 7.84
CA THR A 60 24.86 1.72 7.73
C THR A 60 25.47 1.44 6.37
N LYS A 61 26.38 2.29 5.94
CA LYS A 61 27.15 2.05 4.71
C LYS A 61 27.66 0.61 4.63
N GLY A 62 27.46 -0.01 3.47
CA GLY A 62 27.93 -1.38 3.26
C GLY A 62 27.04 -2.50 3.78
N LYS A 63 26.09 -2.18 4.67
CA LYS A 63 25.06 -3.13 5.07
C LYS A 63 24.16 -3.43 3.87
N GLU A 64 23.61 -4.64 3.81
CA GLU A 64 22.79 -5.02 2.70
C GLU A 64 21.34 -5.21 3.13
N ILE A 65 20.41 -4.66 2.34
CA ILE A 65 18.98 -4.87 2.61
C ILE A 65 18.55 -6.27 2.13
N VAL A 66 17.80 -6.99 2.96
CA VAL A 66 17.22 -8.26 2.54
C VAL A 66 15.69 -8.25 2.80
N ASP A 67 14.91 -8.72 1.85
CA ASP A 67 13.46 -8.88 2.06
C ASP A 67 12.91 -9.98 1.14
N ALA A 68 11.66 -10.37 1.39
CA ALA A 68 10.97 -11.38 0.61
C ALA A 68 9.76 -10.82 -0.16
N THR A 69 9.69 -9.50 -0.33
CA THR A 69 8.61 -8.92 -1.17
C THR A 69 9.09 -8.69 -2.61
N SER A 70 8.23 -9.03 -3.56
CA SER A 70 8.50 -8.71 -4.95
C SER A 70 7.32 -7.95 -5.53
N GLY A 71 6.36 -7.64 -4.65
CA GLY A 71 5.21 -6.79 -4.96
C GLY A 71 5.67 -5.35 -4.87
N ASN A 72 4.74 -4.46 -4.53
CA ASN A 72 5.06 -3.03 -4.58
C ASN A 72 6.17 -2.62 -3.61
N THR A 73 6.19 -3.23 -2.43
CA THR A 73 7.23 -2.87 -1.44
C THR A 73 8.63 -3.26 -1.90
N GLY A 74 8.76 -4.42 -2.54
CA GLY A 74 10.03 -4.89 -3.13
C GLY A 74 10.55 -3.92 -4.19
N ILE A 75 9.65 -3.44 -5.04
CA ILE A 75 10.00 -2.47 -6.06
C ILE A 75 10.44 -1.15 -5.41
N ALA A 76 9.69 -0.72 -4.39
CA ALA A 76 9.96 0.52 -3.65
C ALA A 76 11.35 0.45 -3.00
N LEU A 77 11.60 -0.64 -2.29
CA LEU A 77 12.91 -0.84 -1.64
C LEU A 77 14.04 -0.90 -2.67
N ALA A 78 13.79 -1.56 -3.79
CA ALA A 78 14.76 -1.61 -4.88
C ALA A 78 15.15 -0.21 -5.41
N TYR A 79 14.19 0.66 -5.73
CA TYR A 79 14.58 2.02 -6.18
C TYR A 79 15.30 2.80 -5.09
N VAL A 80 14.88 2.65 -3.82
CA VAL A 80 15.49 3.38 -2.72
C VAL A 80 16.92 2.92 -2.50
N ALA A 81 17.11 1.59 -2.50
CA ALA A 81 18.46 0.99 -2.39
C ALA A 81 19.38 1.53 -3.51
N ALA A 82 18.87 1.53 -4.74
CA ALA A 82 19.69 2.01 -5.85
C ALA A 82 20.00 3.49 -5.63
N ALA A 83 18.99 4.28 -5.28
CA ALA A 83 19.13 5.75 -5.16
C ALA A 83 20.11 6.16 -4.06
N ARG A 84 20.20 5.33 -3.03
CA ARG A 84 21.01 5.63 -1.85
C ARG A 84 22.27 4.74 -1.71
N GLY A 85 22.56 3.94 -2.74
CA GLY A 85 23.84 3.22 -2.79
C GLY A 85 23.94 1.97 -1.94
N TYR A 86 22.81 1.36 -1.60
CA TYR A 86 22.77 0.05 -0.89
C TYR A 86 22.61 -1.15 -1.79
N LYS A 87 23.32 -2.23 -1.46
CA LYS A 87 23.02 -3.54 -2.06
C LYS A 87 21.68 -4.02 -1.50
N ILE A 88 20.94 -4.77 -2.32
CA ILE A 88 19.69 -5.38 -1.87
C ILE A 88 19.51 -6.76 -2.52
N THR A 89 19.11 -7.71 -1.67
CA THR A 89 18.68 -9.05 -2.06
C THR A 89 17.17 -9.17 -1.83
N LEU A 90 16.44 -9.60 -2.86
CA LEU A 90 15.05 -9.93 -2.70
C LEU A 90 14.85 -11.41 -3.05
N THR A 91 14.22 -12.13 -2.13
CA THR A 91 13.80 -13.50 -2.36
C THR A 91 12.38 -13.50 -2.94
N MET A 92 12.14 -14.43 -3.87
CA MET A 92 10.82 -14.60 -4.49
C MET A 92 10.68 -15.99 -5.04
N PRO A 93 9.44 -16.54 -5.03
CA PRO A 93 9.23 -17.86 -5.63
C PRO A 93 9.56 -17.82 -7.11
N GLU A 94 10.19 -18.89 -7.61
CA GLU A 94 10.59 -19.00 -9.02
C GLU A 94 9.44 -18.86 -10.02
N THR A 95 8.21 -18.96 -9.53
CA THR A 95 7.04 -18.95 -10.41
C THR A 95 6.50 -17.54 -10.64
N MET A 96 7.17 -16.56 -10.04
CA MET A 96 6.85 -15.16 -10.25
C MET A 96 7.11 -14.79 -11.72
N SER A 97 6.39 -13.79 -12.21
CA SER A 97 6.44 -13.42 -13.62
C SER A 97 7.80 -12.94 -14.10
N LEU A 98 8.08 -13.18 -15.38
CA LEU A 98 9.29 -12.67 -16.02
C LEU A 98 9.32 -11.13 -15.98
N GLU A 99 8.15 -10.48 -16.16
CA GLU A 99 8.05 -9.01 -16.11
C GLU A 99 8.59 -8.49 -14.77
N ARG A 100 8.22 -9.16 -13.68
CA ARG A 100 8.65 -8.76 -12.33
C ARG A 100 10.12 -9.05 -12.08
N LYS A 101 10.59 -10.22 -12.53
CA LYS A 101 12.03 -10.56 -12.44
C LYS A 101 12.88 -9.50 -13.18
N ARG A 102 12.51 -9.21 -14.43
CA ARG A 102 13.19 -8.17 -15.23
C ARG A 102 13.17 -6.77 -14.59
N LEU A 103 12.02 -6.37 -14.05
CA LEU A 103 11.94 -5.05 -13.42
C LEU A 103 12.91 -4.98 -12.24
N LEU A 104 12.88 -6.02 -11.42
CA LEU A 104 13.69 -6.06 -10.22
C LEU A 104 15.17 -6.13 -10.57
N CYS A 105 15.47 -6.87 -11.63
CA CYS A 105 16.85 -6.96 -12.09
C CYS A 105 17.32 -5.65 -12.71
N GLY A 106 16.44 -4.98 -13.44
CA GLY A 106 16.75 -3.64 -13.98
C GLY A 106 17.11 -2.64 -12.88
N LEU A 107 16.43 -2.73 -11.73
CA LEU A 107 16.71 -1.88 -10.56
C LEU A 107 17.96 -2.30 -9.74
N GLY A 108 18.68 -3.32 -10.24
CA GLY A 108 19.94 -3.78 -9.64
C GLY A 108 19.84 -4.70 -8.43
N VAL A 109 18.64 -5.27 -8.20
CA VAL A 109 18.42 -6.23 -7.13
C VAL A 109 19.18 -7.55 -7.41
N ASN A 110 19.78 -8.09 -6.36
CA ASN A 110 20.22 -9.50 -6.34
C ASN A 110 18.98 -10.40 -6.06
N LEU A 111 18.39 -10.93 -7.12
CA LEU A 111 17.19 -11.77 -6.99
C LEU A 111 17.56 -13.20 -6.60
N VAL A 112 16.97 -13.68 -5.51
CA VAL A 112 17.13 -15.07 -5.09
C VAL A 112 15.79 -15.77 -5.29
N LEU A 113 15.74 -16.66 -6.30
CA LEU A 113 14.53 -17.42 -6.60
C LEU A 113 14.41 -18.62 -5.69
N THR A 114 13.25 -18.75 -5.06
CA THR A 114 12.96 -19.87 -4.17
C THR A 114 12.07 -20.93 -4.83
N GLU A 115 11.86 -22.03 -4.11
CA GLU A 115 11.17 -23.20 -4.65
C GLU A 115 9.71 -22.86 -4.93
N GLY A 116 9.27 -23.09 -6.17
CA GLY A 116 7.90 -22.80 -6.58
C GLY A 116 6.88 -23.43 -5.65
N ALA A 117 7.18 -24.66 -5.23
CA ALA A 117 6.33 -25.43 -4.32
C ALA A 117 6.10 -24.79 -2.95
N LYS A 118 7.03 -23.95 -2.50
CA LYS A 118 6.95 -23.37 -1.15
C LYS A 118 6.24 -22.02 -1.12
N GLY A 119 5.97 -21.46 -2.30
CA GLY A 119 5.25 -20.18 -2.40
C GLY A 119 5.94 -19.06 -1.65
N MET A 120 5.16 -18.18 -1.03
CA MET A 120 5.71 -17.07 -0.26
C MET A 120 6.44 -17.52 1.00
N LYS A 121 5.94 -18.59 1.61
CA LYS A 121 6.55 -19.09 2.85
C LYS A 121 8.02 -19.46 2.65
N GLY A 122 8.31 -20.14 1.54
CA GLY A 122 9.67 -20.48 1.13
C GLY A 122 10.56 -19.26 0.92
N ALA A 123 10.02 -18.22 0.27
CA ALA A 123 10.76 -16.98 0.04
C ALA A 123 11.05 -16.24 1.34
N ILE A 124 10.08 -16.21 2.25
CA ILE A 124 10.24 -15.58 3.56
C ILE A 124 11.27 -16.31 4.41
N ALA A 125 11.26 -17.63 4.36
CA ALA A 125 12.24 -18.44 5.09
C ALA A 125 13.66 -18.23 4.52
N LYS A 126 13.78 -18.25 3.18
CA LYS A 126 15.07 -18.00 2.54
C LYS A 126 15.68 -16.64 2.95
N ALA A 127 14.84 -15.59 2.96
CA ALA A 127 15.24 -14.26 3.39
C ALA A 127 15.69 -14.25 4.85
N GLU A 128 14.89 -14.86 5.72
CA GLU A 128 15.19 -14.96 7.15
C GLU A 128 16.49 -15.74 7.41
N GLU A 129 16.72 -16.75 6.59
CA GLU A 129 17.92 -17.59 6.61
C GLU A 129 19.17 -16.78 6.22
N ILE A 130 19.09 -16.08 5.09
CA ILE A 130 20.14 -15.17 4.64
C ILE A 130 20.55 -14.22 5.76
N VAL A 131 19.58 -13.58 6.40
CA VAL A 131 19.87 -12.62 7.49
C VAL A 131 20.53 -13.30 8.70
N ALA A 132 19.99 -14.46 9.10
CA ALA A 132 20.53 -15.25 10.21
C ALA A 132 22.01 -15.62 10.02
N SER A 133 22.40 -15.89 8.78
CA SER A 133 23.77 -16.27 8.41
C SER A 133 24.86 -15.22 8.73
N ASP A 134 24.49 -13.94 8.72
CA ASP A 134 25.38 -12.85 9.12
C ASP A 134 24.52 -11.63 9.49
N PRO A 135 23.88 -11.67 10.68
CA PRO A 135 22.99 -10.58 11.14
C PRO A 135 23.58 -9.18 11.08
N SER A 136 24.90 -9.05 11.17
CA SER A 136 25.54 -7.72 11.15
C SER A 136 25.72 -7.17 9.73
N ARG A 137 25.58 -8.06 8.74
CA ARG A 137 25.73 -7.69 7.33
C ARG A 137 24.39 -7.28 6.71
N TYR A 138 23.31 -7.88 7.19
CA TYR A 138 21.99 -7.83 6.55
C TYR A 138 20.91 -7.21 7.42
N VAL A 139 19.99 -6.50 6.78
CA VAL A 139 18.90 -5.87 7.49
CA VAL A 139 18.89 -5.84 7.48
C VAL A 139 17.58 -6.13 6.77
N MET A 140 16.58 -6.56 7.54
CA MET A 140 15.26 -6.82 7.02
C MET A 140 14.32 -5.80 7.66
N LEU A 141 13.58 -5.07 6.84
CA LEU A 141 12.90 -3.89 7.33
C LEU A 141 11.46 -4.12 7.84
N LYS A 142 10.87 -5.24 7.45
CA LYS A 142 9.62 -5.76 8.02
C LYS A 142 8.44 -4.80 7.93
N GLN A 143 7.96 -4.57 6.70
CA GLN A 143 6.86 -3.63 6.44
C GLN A 143 5.56 -3.81 7.25
N PHE A 144 5.25 -5.06 7.66
CA PHE A 144 4.02 -5.29 8.42
C PHE A 144 4.07 -4.79 9.85
N GLU A 145 5.28 -4.66 10.41
CA GLU A 145 5.42 -4.17 11.80
C GLU A 145 6.26 -2.91 12.03
N ASN A 146 7.00 -2.49 11.01
CA ASN A 146 7.91 -1.38 11.16
C ASN A 146 7.11 -0.08 11.28
N PRO A 147 7.21 0.62 12.43
CA PRO A 147 6.41 1.85 12.62
C PRO A 147 6.74 2.97 11.64
N ALA A 148 7.91 2.90 10.97
CA ALA A 148 8.29 3.94 9.97
C ALA A 148 7.32 3.91 8.76
N ASN A 149 6.59 2.80 8.61
CA ASN A 149 5.54 2.63 7.57
C ASN A 149 4.36 3.58 7.85
N PRO A 150 3.57 3.38 8.94
CA PRO A 150 2.51 4.35 9.19
C PRO A 150 3.05 5.76 9.44
N GLN A 151 4.25 5.90 9.99
CA GLN A 151 4.81 7.24 10.25
C GLN A 151 4.93 8.14 9.01
N ILE A 152 5.41 7.59 7.92
CA ILE A 152 5.49 8.37 6.70
C ILE A 152 4.09 8.83 6.22
N HIS A 153 3.07 8.00 6.43
CA HIS A 153 1.70 8.41 6.08
C HIS A 153 1.15 9.47 7.01
N ARG A 154 1.52 9.38 8.28
CA ARG A 154 1.22 10.46 9.21
C ARG A 154 1.92 11.78 8.86
N GLU A 155 3.15 11.71 8.36
CA GLU A 155 3.93 12.92 8.06
C GLU A 155 3.67 13.55 6.70
N THR A 156 3.21 12.75 5.72
CA THR A 156 3.14 13.22 4.32
C THR A 156 1.72 12.98 3.74
N THR A 157 1.32 11.71 3.61
CA THR A 157 0.05 11.36 2.97
C THR A 157 -1.13 12.04 3.65
N GLY A 158 -1.20 11.92 4.97
CA GLY A 158 -2.29 12.57 5.75
C GLY A 158 -2.30 14.09 5.59
N PRO A 159 -1.17 14.74 5.90
CA PRO A 159 -1.11 16.19 5.69
C PRO A 159 -1.41 16.67 4.26
N GLU A 160 -0.96 15.93 3.24
CA GLU A 160 -1.38 16.25 1.84
C GLU A 160 -2.91 16.25 1.65
N ILE A 161 -3.59 15.23 2.19
CA ILE A 161 -5.08 15.21 2.16
C ILE A 161 -5.68 16.41 2.89
N TRP A 162 -5.14 16.71 4.06
CA TRP A 162 -5.62 17.84 4.85
C TRP A 162 -5.49 19.14 4.05
N LYS A 163 -4.30 19.37 3.51
CA LYS A 163 -3.98 20.63 2.81
C LYS A 163 -4.78 20.78 1.48
N ASP A 164 -4.82 19.73 0.69
CA ASP A 164 -5.45 19.79 -0.63
C ASP A 164 -6.96 19.87 -0.54
N THR A 165 -7.53 19.49 0.61
CA THR A 165 -8.98 19.64 0.83
C THR A 165 -9.33 20.87 1.68
N ASP A 166 -8.32 21.67 2.06
CA ASP A 166 -8.56 22.81 2.96
C ASP A 166 -9.25 22.34 4.27
N GLY A 167 -8.84 21.18 4.77
CA GLY A 167 -9.51 20.57 5.91
C GLY A 167 -10.95 20.09 5.76
N LYS A 168 -11.45 20.03 4.52
CA LYS A 168 -12.87 19.65 4.30
C LYS A 168 -13.11 18.13 4.27
N VAL A 169 -12.03 17.35 4.17
CA VAL A 169 -12.13 15.88 4.19
C VAL A 169 -13.02 15.42 5.35
N ASP A 170 -14.01 14.59 5.05
CA ASP A 170 -14.90 14.02 6.07
C ASP A 170 -14.72 12.53 6.29
N VAL A 171 -14.26 11.83 5.24
CA VAL A 171 -14.18 10.35 5.21
C VAL A 171 -12.89 9.98 4.45
N VAL A 172 -12.12 9.03 4.98
CA VAL A 172 -10.98 8.45 4.24
C VAL A 172 -11.28 6.96 4.02
N VAL A 173 -11.13 6.52 2.77
CA VAL A 173 -11.38 5.14 2.41
C VAL A 173 -10.05 4.57 1.87
N ALA A 174 -9.59 3.48 2.47
CA ALA A 174 -8.30 2.89 2.11
C ALA A 174 -8.33 1.39 2.30
N GLY A 175 -7.93 0.66 1.25
CA GLY A 175 -7.66 -0.76 1.39
C GLY A 175 -6.53 -1.01 2.37
N VAL A 176 -6.60 -2.11 3.10
CA VAL A 176 -5.61 -2.48 4.11
C VAL A 176 -4.75 -3.66 3.64
N GLY A 177 -3.44 -3.40 3.50
CA GLY A 177 -2.44 -4.42 3.22
C GLY A 177 -1.61 -4.56 4.50
N THR A 178 -0.66 -3.67 4.68
CA THR A 178 0.04 -3.52 5.97
C THR A 178 -0.77 -2.73 7.05
N GLY A 179 -1.78 -1.96 6.61
CA GLY A 179 -2.46 -1.01 7.46
C GLY A 179 -1.82 0.36 7.62
N GLY A 180 -0.56 0.51 7.16
CA GLY A 180 0.19 1.74 7.32
C GLY A 180 -0.54 2.99 6.79
N SER A 181 -1.15 2.89 5.60
CA SER A 181 -1.83 4.06 5.00
C SER A 181 -3.00 4.53 5.86
N ILE A 182 -3.97 3.65 6.14
CA ILE A 182 -5.13 4.10 6.91
CA ILE A 182 -5.14 4.08 6.92
C ILE A 182 -4.71 4.54 8.33
N THR A 183 -3.74 3.86 8.92
CA THR A 183 -3.26 4.20 10.27
C THR A 183 -2.65 5.61 10.32
N GLY A 184 -1.67 5.85 9.45
CA GLY A 184 -0.94 7.12 9.44
C GLY A 184 -1.83 8.26 9.04
N ILE A 185 -2.62 8.06 7.98
CA ILE A 185 -3.54 9.11 7.48
C ILE A 185 -4.55 9.45 8.59
N SER A 186 -5.11 8.44 9.24
CA SER A 186 -6.14 8.65 10.26
C SER A 186 -5.56 9.35 11.50
N ARG A 187 -4.37 8.95 11.93
CA ARG A 187 -3.73 9.61 13.07
C ARG A 187 -3.42 11.08 12.76
N ALA A 188 -2.94 11.33 11.54
CA ALA A 188 -2.71 12.70 11.07
C ALA A 188 -3.97 13.56 11.19
N ILE A 189 -5.05 13.11 10.56
CA ILE A 189 -6.26 13.95 10.46
C ILE A 189 -7.02 14.05 11.79
N LYS A 190 -7.13 12.92 12.51
CA LYS A 190 -7.87 12.93 13.77
C LYS A 190 -7.06 13.52 14.93
N LEU A 191 -5.76 13.27 14.94
CA LEU A 191 -4.96 13.63 16.13
C LEU A 191 -4.19 14.95 15.87
N ASP A 192 -3.46 15.03 14.76
CA ASP A 192 -2.65 16.24 14.47
C ASP A 192 -3.50 17.42 14.02
N PHE A 193 -4.52 17.12 13.22
CA PHE A 193 -5.41 18.17 12.74
C PHE A 193 -6.75 18.25 13.51
N GLY A 194 -7.01 17.27 14.36
CA GLY A 194 -8.14 17.32 15.32
C GLY A 194 -9.53 17.14 14.73
N LYS A 195 -9.63 16.56 13.53
CA LYS A 195 -10.94 16.44 12.89
C LYS A 195 -11.46 15.01 12.99
N GLN A 196 -12.69 14.89 13.47
CA GLN A 196 -13.33 13.61 13.70
C GLN A 196 -13.90 12.99 12.42
N ILE A 197 -13.04 12.59 11.50
CA ILE A 197 -13.47 11.98 10.25
C ILE A 197 -13.93 10.54 10.43
N THR A 198 -14.51 9.96 9.38
CA THR A 198 -14.82 8.53 9.36
C THR A 198 -13.70 7.80 8.59
N SER A 199 -13.01 6.90 9.27
CA SER A 199 -11.93 6.10 8.67
C SER A 199 -12.48 4.75 8.29
N VAL A 200 -12.38 4.45 7.00
CA VAL A 200 -12.99 3.26 6.43
C VAL A 200 -11.89 2.32 5.90
N ALA A 201 -11.71 1.19 6.56
CA ALA A 201 -10.82 0.14 6.05
C ALA A 201 -11.55 -0.68 4.96
N VAL A 202 -10.83 -1.05 3.89
CA VAL A 202 -11.43 -1.91 2.85
C VAL A 202 -10.66 -3.25 2.78
N GLU A 203 -11.40 -4.37 2.73
CA GLU A 203 -10.78 -5.67 2.62
C GLU A 203 -11.61 -6.55 1.67
N PRO A 204 -11.03 -7.66 1.17
CA PRO A 204 -11.79 -8.53 0.29
C PRO A 204 -12.88 -9.30 1.03
N VAL A 205 -14.05 -9.38 0.42
CA VAL A 205 -15.13 -10.20 0.95
C VAL A 205 -14.63 -11.66 1.06
N GLU A 206 -13.69 -12.04 0.19
CA GLU A 206 -13.08 -13.40 0.22
C GLU A 206 -12.16 -13.68 1.42
N SER A 207 -11.63 -12.62 2.03
CA SER A 207 -10.73 -12.78 3.17
C SER A 207 -10.99 -11.69 4.19
N PRO A 208 -12.22 -11.68 4.81
CA PRO A 208 -12.62 -10.47 5.52
C PRO A 208 -12.19 -10.53 6.98
N VAL A 209 -10.90 -10.65 7.21
CA VAL A 209 -10.39 -10.96 8.57
C VAL A 209 -10.55 -9.80 9.55
N ILE A 210 -10.51 -8.57 9.05
CA ILE A 210 -10.77 -7.41 9.94
C ILE A 210 -12.23 -7.43 10.43
N SER A 211 -13.15 -7.64 9.49
CA SER A 211 -14.58 -7.81 9.81
C SER A 211 -14.85 -8.93 10.81
N GLN A 212 -14.29 -10.09 10.54
CA GLN A 212 -14.45 -11.25 11.43
C GLN A 212 -13.89 -10.98 12.82
N THR A 213 -12.66 -10.45 12.88
CA THR A 213 -12.01 -10.08 14.15
C THR A 213 -12.91 -9.15 14.97
N LEU A 214 -13.39 -8.07 14.36
CA LEU A 214 -14.13 -7.05 15.13
C LEU A 214 -15.51 -7.54 15.55
N ALA A 215 -16.01 -8.56 14.86
CA ALA A 215 -17.31 -9.20 15.19
C ALA A 215 -17.13 -10.33 16.21
N GLY A 216 -15.89 -10.62 16.58
CA GLY A 216 -15.55 -11.81 17.39
C GLY A 216 -15.85 -13.15 16.73
N GLU A 217 -15.87 -13.16 15.39
CA GLU A 217 -16.11 -14.40 14.64
C GLU A 217 -14.82 -15.14 14.33
N GLU A 218 -14.96 -16.43 13.97
CA GLU A 218 -13.83 -17.22 13.49
C GLU A 218 -13.12 -16.49 12.34
N VAL A 219 -11.80 -16.33 12.45
CA VAL A 219 -11.01 -15.68 11.40
C VAL A 219 -10.69 -16.73 10.34
N LYS A 220 -11.22 -16.50 9.14
CA LYS A 220 -11.09 -17.46 8.03
C LYS A 220 -10.57 -16.75 6.80
N PRO A 221 -9.23 -16.69 6.63
CA PRO A 221 -8.74 -16.04 5.42
C PRO A 221 -9.08 -16.88 4.19
N GLY A 222 -9.08 -16.25 3.02
CA GLY A 222 -9.35 -16.92 1.75
C GLY A 222 -8.64 -16.28 0.56
N PRO A 223 -8.50 -17.05 -0.55
CA PRO A 223 -7.89 -16.50 -1.79
C PRO A 223 -8.75 -15.45 -2.46
N HIS A 224 -8.10 -14.46 -3.06
CA HIS A 224 -8.78 -13.38 -3.78
C HIS A 224 -7.79 -12.78 -4.79
N LYS A 225 -8.27 -11.87 -5.63
CA LYS A 225 -7.44 -11.31 -6.69
C LYS A 225 -7.10 -9.83 -6.49
N ILE A 226 -7.40 -9.29 -5.30
CA ILE A 226 -7.22 -7.87 -5.09
C ILE A 226 -5.81 -7.60 -4.61
N GLN A 227 -4.86 -7.56 -5.54
CA GLN A 227 -3.42 -7.50 -5.17
C GLN A 227 -3.10 -6.31 -4.30
N GLY A 228 -2.39 -6.57 -3.19
CA GLY A 228 -1.91 -5.48 -2.32
C GLY A 228 -2.73 -5.34 -1.05
N ILE A 229 -3.94 -5.91 -1.01
CA ILE A 229 -4.74 -5.95 0.21
C ILE A 229 -5.08 -7.40 0.63
N GLY A 230 -5.78 -7.56 1.76
CA GLY A 230 -6.26 -8.88 2.16
C GLY A 230 -5.13 -9.86 2.46
N ALA A 231 -4.24 -9.46 3.37
CA ALA A 231 -3.13 -10.31 3.80
C ALA A 231 -3.56 -11.57 4.57
N GLY A 232 -4.79 -11.59 5.09
CA GLY A 232 -5.32 -12.77 5.79
C GLY A 232 -5.01 -12.84 7.29
N PHE A 233 -4.47 -11.76 7.84
CA PHE A 233 -4.22 -11.60 9.27
C PHE A 233 -4.32 -10.11 9.59
N ILE A 234 -4.39 -9.77 10.88
CA ILE A 234 -4.36 -8.38 11.31
C ILE A 234 -2.90 -7.93 11.42
N PRO A 235 -2.45 -7.02 10.55
CA PRO A 235 -1.05 -6.65 10.66
C PRO A 235 -0.80 -5.69 11.82
N LYS A 236 0.41 -5.73 12.37
CA LYS A 236 0.81 -4.85 13.48
C LYS A 236 0.65 -3.38 13.19
N ASN A 237 0.85 -3.00 11.91
CA ASN A 237 0.68 -1.61 11.50
C ASN A 237 -0.75 -1.17 11.17
N LEU A 238 -1.73 -2.01 11.50
CA LEU A 238 -3.13 -1.62 11.46
C LEU A 238 -3.56 -1.25 12.88
N ASP A 239 -3.83 0.04 13.06
CA ASP A 239 -4.34 0.55 14.35
C ASP A 239 -5.87 0.47 14.32
N LEU A 240 -6.43 -0.62 14.83
CA LEU A 240 -7.90 -0.81 14.86
C LEU A 240 -8.62 0.28 15.63
N SER A 241 -7.96 0.88 16.62
CA SER A 241 -8.58 1.96 17.42
C SER A 241 -9.01 3.18 16.59
N ILE A 242 -8.35 3.41 15.45
CA ILE A 242 -8.76 4.51 14.57
C ILE A 242 -9.66 4.14 13.40
N ILE A 243 -10.02 2.86 13.28
CA ILE A 243 -10.96 2.41 12.25
C ILE A 243 -12.43 2.53 12.72
N ASP A 244 -13.24 3.23 11.94
CA ASP A 244 -14.66 3.48 12.26
C ASP A 244 -15.61 2.49 11.60
N ARG A 245 -15.22 2.08 10.40
CA ARG A 245 -16.03 1.26 9.54
C ARG A 245 -15.13 0.33 8.70
N VAL A 246 -15.63 -0.88 8.43
CA VAL A 246 -14.93 -1.81 7.51
C VAL A 246 -15.88 -2.16 6.34
N GLU A 247 -15.45 -1.93 5.10
CA GLU A 247 -16.26 -2.31 3.94
C GLU A 247 -15.60 -3.49 3.23
N THR A 248 -16.39 -4.47 2.85
CA THR A 248 -15.82 -5.60 2.10
C THR A 248 -16.17 -5.41 0.64
N VAL A 249 -15.26 -5.83 -0.25
CA VAL A 249 -15.49 -5.72 -1.71
C VAL A 249 -15.04 -7.05 -2.33
N ASP A 250 -15.78 -7.53 -3.32
CA ASP A 250 -15.39 -8.79 -4.01
C ASP A 250 -14.40 -8.54 -5.18
N SER A 251 -13.62 -9.56 -5.56
CA SER A 251 -12.57 -9.39 -6.58
C SER A 251 -13.12 -8.92 -7.96
N ASP A 252 -14.25 -9.50 -8.39
CA ASP A 252 -14.83 -9.18 -9.69
C ASP A 252 -15.25 -7.72 -9.74
N THR A 253 -15.91 -7.25 -8.68
CA THR A 253 -16.35 -5.87 -8.61
C THR A 253 -15.14 -4.92 -8.49
N ALA A 254 -14.11 -5.32 -7.73
CA ALA A 254 -12.85 -4.54 -7.72
C ALA A 254 -12.31 -4.38 -9.13
N LEU A 255 -12.21 -5.48 -9.86
CA LEU A 255 -11.74 -5.46 -11.26
C LEU A 255 -12.59 -4.60 -12.18
N ALA A 256 -13.91 -4.83 -12.15
CA ALA A 256 -14.87 -4.05 -12.97
C ALA A 256 -14.75 -2.56 -12.64
N THR A 257 -14.61 -2.23 -11.36
CA THR A 257 -14.49 -0.83 -10.94
C THR A 257 -13.20 -0.18 -11.45
N ALA A 258 -12.10 -0.92 -11.37
CA ALA A 258 -10.82 -0.42 -11.89
C ALA A 258 -10.96 -0.18 -13.41
N ARG A 259 -11.63 -1.10 -14.12
CA ARG A 259 -11.89 -0.88 -15.55
C ARG A 259 -12.72 0.37 -15.85
N ARG A 260 -13.73 0.64 -15.03
CA ARG A 260 -14.52 1.87 -15.13
C ARG A 260 -13.68 3.11 -14.89
N LEU A 261 -12.80 3.05 -13.90
CA LEU A 261 -11.91 4.21 -13.63
C LEU A 261 -11.12 4.57 -14.89
N MET A 262 -10.59 3.54 -15.59
CA MET A 262 -9.85 3.77 -16.85
C MET A 262 -10.76 4.32 -17.93
N ALA A 263 -11.85 3.61 -18.22
CA ALA A 263 -12.67 3.93 -19.41
C ALA A 263 -13.56 5.16 -19.24
N GLU A 264 -14.03 5.39 -18.02
CA GLU A 264 -14.96 6.48 -17.74
C GLU A 264 -14.35 7.70 -17.08
N GLU A 265 -13.22 7.54 -16.38
CA GLU A 265 -12.57 8.71 -15.74
C GLU A 265 -11.21 9.06 -16.32
N GLY A 266 -10.63 8.15 -17.12
CA GLY A 266 -9.28 8.33 -17.65
C GLY A 266 -8.22 8.25 -16.55
N ILE A 267 -8.50 7.41 -15.55
CA ILE A 267 -7.55 7.18 -14.44
C ILE A 267 -7.04 5.75 -14.52
N LEU A 268 -5.74 5.65 -14.72
CA LEU A 268 -5.04 4.39 -14.82
C LEU A 268 -4.75 3.83 -13.43
N ALA A 269 -5.77 3.21 -12.86
CA ALA A 269 -5.79 2.70 -11.49
C ALA A 269 -5.50 1.20 -11.49
N GLY A 270 -4.90 0.70 -10.40
CA GLY A 270 -4.68 -0.70 -10.20
C GLY A 270 -5.91 -1.36 -9.62
N ILE A 271 -5.83 -2.67 -9.43
CA ILE A 271 -6.96 -3.48 -8.96
C ILE A 271 -7.49 -3.04 -7.58
N SER A 272 -6.58 -2.86 -6.64
CA SER A 272 -6.97 -2.45 -5.28
C SER A 272 -7.58 -1.03 -5.26
N SER A 273 -7.22 -0.21 -6.25
CA SER A 273 -7.85 1.09 -6.43
C SER A 273 -9.33 0.92 -6.79
N GLY A 274 -9.64 -0.08 -7.63
CA GLY A 274 -11.01 -0.41 -7.98
C GLY A 274 -11.78 -0.85 -6.73
N ALA A 275 -11.13 -1.64 -5.89
CA ALA A 275 -11.75 -2.08 -4.65
C ALA A 275 -12.08 -0.87 -3.76
N ALA A 276 -11.12 0.04 -3.56
CA ALA A 276 -11.33 1.21 -2.66
C ALA A 276 -12.46 2.13 -3.16
N VAL A 277 -12.47 2.38 -4.47
CA VAL A 277 -13.54 3.16 -5.10
C VAL A 277 -14.92 2.47 -5.01
N ALA A 278 -14.96 1.14 -5.18
CA ALA A 278 -16.24 0.43 -5.08
C ALA A 278 -16.83 0.62 -3.67
N ALA A 279 -15.97 0.47 -2.66
CA ALA A 279 -16.35 0.75 -1.25
C ALA A 279 -16.79 2.22 -1.00
N ALA A 280 -16.01 3.18 -1.48
CA ALA A 280 -16.35 4.60 -1.40
C ALA A 280 -17.67 4.95 -2.12
N ASP A 281 -17.88 4.41 -3.32
CA ASP A 281 -19.13 4.63 -4.06
C ASP A 281 -20.37 4.16 -3.26
N ARG A 282 -20.25 3.00 -2.61
CA ARG A 282 -21.33 2.48 -1.78
C ARG A 282 -21.66 3.47 -0.61
N LEU A 283 -20.64 3.94 0.11
CA LEU A 283 -20.88 4.93 1.19
C LEU A 283 -21.39 6.26 0.61
N ALA A 284 -20.89 6.63 -0.58
CA ALA A 284 -21.19 7.97 -1.15
C ALA A 284 -22.67 8.13 -1.55
N LYS A 285 -23.35 6.99 -1.69
CA LYS A 285 -24.74 6.91 -2.15
C LYS A 285 -25.69 6.66 -0.97
N LEU A 286 -25.15 6.74 0.24
CA LEU A 286 -25.95 6.77 1.46
C LEU A 286 -26.27 8.23 1.80
N PRO A 287 -27.57 8.55 2.04
CA PRO A 287 -27.92 9.92 2.42
C PRO A 287 -27.09 10.48 3.58
N GLU A 288 -26.65 9.63 4.50
CA GLU A 288 -25.77 10.10 5.56
C GLU A 288 -24.45 10.73 5.08
N PHE A 289 -23.96 10.32 3.89
CA PHE A 289 -22.71 10.91 3.34
C PHE A 289 -22.95 11.85 2.15
N ALA A 290 -24.20 12.33 1.99
CA ALA A 290 -24.55 13.17 0.86
C ALA A 290 -23.76 14.46 0.89
N ASP A 291 -23.61 15.04 2.06
CA ASP A 291 -22.88 16.28 2.13
C ASP A 291 -21.44 16.10 2.66
N LYS A 292 -20.87 14.90 2.51
CA LYS A 292 -19.57 14.57 3.09
C LYS A 292 -18.50 14.39 2.02
N LEU A 293 -17.33 14.99 2.21
CA LEU A 293 -16.23 14.84 1.23
C LEU A 293 -15.47 13.53 1.49
N ILE A 294 -15.48 12.62 0.52
CA ILE A 294 -14.88 11.31 0.68
C ILE A 294 -13.60 11.21 -0.14
N VAL A 295 -12.51 10.91 0.55
CA VAL A 295 -11.22 10.82 -0.11
C VAL A 295 -10.78 9.36 -0.09
N VAL A 296 -10.41 8.86 -1.27
CA VAL A 296 -10.08 7.46 -1.48
C VAL A 296 -8.62 7.29 -1.94
N ILE A 297 -7.88 6.38 -1.29
CA ILE A 297 -6.50 6.11 -1.71
C ILE A 297 -6.53 5.13 -2.88
N LEU A 298 -5.87 5.51 -3.98
CA LEU A 298 -5.64 4.63 -5.12
C LEU A 298 -4.17 4.25 -5.13
N PRO A 299 -3.86 3.05 -4.58
CA PRO A 299 -2.45 2.67 -4.30
C PRO A 299 -1.48 2.53 -5.45
N SER A 300 -1.97 2.25 -6.66
CA SER A 300 -1.06 1.88 -7.75
C SER A 300 -1.65 2.16 -9.13
N ALA A 301 -0.87 1.90 -10.17
CA ALA A 301 -1.24 2.31 -11.54
C ALA A 301 -1.42 1.13 -12.51
N SER A 302 -2.29 1.29 -13.52
CA SER A 302 -2.74 0.20 -14.43
C SER A 302 -1.68 -0.64 -15.14
N GLU A 303 -0.60 -0.02 -15.64
CA GLU A 303 0.37 -0.77 -16.46
C GLU A 303 1.12 -1.87 -15.69
N ARG A 304 1.15 -1.74 -14.36
CA ARG A 304 1.70 -2.78 -13.52
C ARG A 304 0.81 -4.05 -13.50
N TYR A 305 -0.37 -3.96 -14.12
CA TYR A 305 -1.38 -5.03 -14.09
C TYR A 305 -1.76 -5.55 -15.48
N LEU A 306 -0.92 -5.27 -16.46
CA LEU A 306 -1.24 -5.61 -17.87
C LEU A 306 -1.41 -7.12 -18.11
N SER A 307 -0.66 -7.92 -17.36
CA SER A 307 -0.70 -9.38 -17.47
C SER A 307 -1.72 -10.03 -16.51
N THR A 308 -2.59 -9.22 -15.92
CA THR A 308 -3.52 -9.71 -14.91
C THR A 308 -4.95 -9.73 -15.43
N ALA A 309 -5.85 -10.24 -14.59
CA ALA A 309 -7.28 -10.21 -14.87
C ALA A 309 -7.84 -8.81 -15.18
N LEU A 310 -7.12 -7.76 -14.78
CA LEU A 310 -7.56 -6.39 -15.07
C LEU A 310 -7.75 -6.17 -16.58
N PHE A 311 -6.85 -6.77 -17.36
CA PHE A 311 -6.85 -6.59 -18.81
C PHE A 311 -7.13 -7.90 -19.55
N ASN B 2 -0.47 -13.66 -1.15
CA ASN B 2 -1.29 -12.60 -0.49
C ASN B 2 -0.47 -11.77 0.49
N TRP B 3 0.68 -12.32 0.90
CA TRP B 3 1.65 -11.59 1.73
C TRP B 3 2.71 -10.89 0.85
N ASN B 4 2.66 -11.14 -0.46
CA ASN B 4 3.56 -10.44 -1.38
C ASN B 4 3.00 -9.03 -1.66
N ILE B 5 3.28 -8.13 -0.71
CA ILE B 5 2.78 -6.76 -0.75
C ILE B 5 4.00 -5.85 -1.01
#